data_8OF7
#
_entry.id   8OF7
#
_cell.length_a   65.140
_cell.length_b   65.140
_cell.length_c   180.140
_cell.angle_alpha   90.00
_cell.angle_beta   90.00
_cell.angle_gamma   90.00
#
_symmetry.space_group_name_H-M   'P 41 21 2'
#
loop_
_entity.id
_entity.type
_entity.pdbx_description
1 polymer 'Rhs family protein'
2 non-polymer IMIDAZOLE
3 non-polymer DI(HYDROXYETHYL)ETHER
4 non-polymer 1,2-ETHANEDIOL
5 non-polymer GLYCINE
6 non-polymer SERINE
7 non-polymer GLYCEROL
8 water water
#
_entity_poly.entity_id   1
_entity_poly.type   'polypeptide(L)'
_entity_poly.pdbx_seq_one_letter_code
;MGDTTTANDVVTVELVEKVTKKDLNESGSIEGFGPGMMATYWCDVFDTEGKHIGTTVGCMDILYADPESGHLVEHVAEQI
RLPDGTIMAWGTMNRSDVLAQKWITYRCQGTSGRYAGLVGTRTWRIQSLEDESYPIVAKMELRGALEHHHHHH
;
_entity_poly.pdbx_strand_id   A,B
#
# COMPACT_ATOMS: atom_id res chain seq x y z
N ASP A 9 -11.39 -26.35 1.78
CA ASP A 9 -11.68 -25.22 0.85
C ASP A 9 -11.15 -23.89 1.40
N VAL A 10 -11.20 -23.66 2.73
CA VAL A 10 -10.57 -22.49 3.34
C VAL A 10 -9.08 -22.74 3.53
N VAL A 11 -8.25 -21.80 3.07
CA VAL A 11 -6.81 -21.84 3.33
C VAL A 11 -6.51 -20.88 4.49
N THR A 12 -5.80 -21.39 5.51
CA THR A 12 -5.48 -20.63 6.70
C THR A 12 -3.98 -20.55 6.85
N VAL A 13 -3.49 -19.36 7.19
CA VAL A 13 -2.07 -19.14 7.36
C VAL A 13 -1.91 -18.34 8.64
N GLU A 14 -1.06 -18.79 9.55
CA GLU A 14 -0.76 -18.01 10.74
C GLU A 14 0.70 -17.59 10.76
N LEU A 15 0.96 -16.30 10.98
CA LEU A 15 2.30 -15.74 10.90
C LEU A 15 2.57 -14.87 12.12
N VAL A 16 3.87 -14.66 12.39
CA VAL A 16 4.30 -13.52 13.21
C VAL A 16 5.13 -12.61 12.32
N GLU A 17 4.92 -11.31 12.44
CA GLU A 17 5.65 -10.36 11.63
C GLU A 17 6.23 -9.27 12.52
N LYS A 18 7.47 -8.88 12.22
CA LYS A 18 8.20 -7.92 13.03
C LYS A 18 8.83 -6.88 12.11
N VAL A 19 8.65 -5.62 12.47
CA VAL A 19 9.18 -4.51 11.72
C VAL A 19 10.71 -4.49 11.78
N THR A 20 11.33 -4.30 10.60
CA THR A 20 12.76 -4.14 10.54
C THR A 20 13.13 -2.75 10.00
N LYS A 21 12.21 -2.09 9.31
CA LYS A 21 12.54 -0.81 8.70
C LYS A 21 11.27 0.01 8.61
N LYS A 22 11.39 1.30 8.92
CA LYS A 22 10.28 2.19 8.76
C LYS A 22 10.80 3.56 8.31
N ASP A 23 10.02 4.22 7.43
CA ASP A 23 10.31 5.59 7.08
C ASP A 23 9.03 6.38 7.14
N LEU A 24 9.07 7.65 7.62
CA LEU A 24 7.88 8.46 7.67
C LEU A 24 8.15 9.77 6.93
N ASN A 25 7.11 10.56 6.67
CA ASN A 25 7.27 11.80 5.91
C ASN A 25 8.14 12.77 6.72
N GLU A 26 8.99 13.54 6.04
CA GLU A 26 9.84 14.53 6.67
C GLU A 26 9.20 15.90 6.63
N SER A 27 9.65 16.76 7.56
CA SER A 27 9.19 18.14 7.66
C SER A 27 9.27 18.75 6.27
N GLY A 28 8.26 19.57 5.92
CA GLY A 28 8.27 20.31 4.65
C GLY A 28 7.61 19.52 3.51
N SER A 29 7.59 18.18 3.59
CA SER A 29 7.01 17.28 2.58
C SER A 29 5.54 17.58 2.37
N ILE A 30 4.78 17.52 3.48
CA ILE A 30 3.33 17.63 3.46
C ILE A 30 2.99 18.96 4.11
N GLU A 31 2.40 19.85 3.30
CA GLU A 31 2.19 21.24 3.68
C GLU A 31 1.30 21.26 4.93
N GLY A 32 1.83 21.84 6.01
CA GLY A 32 1.09 22.05 7.25
C GLY A 32 1.20 20.91 8.26
N PHE A 33 1.91 19.81 7.95
CA PHE A 33 1.94 18.61 8.78
C PHE A 33 3.36 18.09 8.97
N GLY A 34 3.63 17.52 10.15
CA GLY A 34 4.94 16.96 10.45
C GLY A 34 4.98 15.48 10.12
N PRO A 35 6.12 14.80 10.42
CA PRO A 35 6.25 13.36 10.27
C PRO A 35 5.08 12.65 10.96
N GLY A 36 4.71 11.52 10.40
CA GLY A 36 3.60 10.72 10.91
C GLY A 36 2.37 10.58 9.99
N MET A 37 2.26 11.40 8.93
CA MET A 37 1.11 11.41 8.05
C MET A 37 1.14 10.21 7.10
N MET A 38 2.34 9.75 6.76
CA MET A 38 2.52 8.64 5.82
C MET A 38 3.77 7.88 6.20
N ALA A 39 3.84 6.61 5.81
CA ALA A 39 4.98 5.76 6.12
C ALA A 39 5.12 4.68 5.07
N THR A 40 6.36 4.19 4.90
CA THR A 40 6.59 2.86 4.32
C THR A 40 7.30 1.98 5.34
N TYR A 41 7.15 0.66 5.24
CA TYR A 41 7.81 -0.22 6.18
C TYR A 41 8.08 -1.56 5.54
N TRP A 42 9.00 -2.28 6.19
CA TRP A 42 9.35 -3.65 5.94
C TRP A 42 9.25 -4.46 7.21
N CYS A 43 8.80 -5.72 7.09
CA CYS A 43 8.77 -6.67 8.17
C CYS A 43 9.33 -7.99 7.73
N ASP A 44 9.95 -8.65 8.72
CA ASP A 44 10.33 -10.05 8.61
C ASP A 44 9.10 -10.88 8.99
N VAL A 45 8.88 -11.96 8.25
CA VAL A 45 7.74 -12.84 8.47
C VAL A 45 8.24 -14.20 8.93
N PHE A 46 7.62 -14.68 9.99
CA PHE A 46 7.96 -15.95 10.60
C PHE A 46 6.74 -16.86 10.71
N ASP A 47 7.00 -18.18 10.62
CA ASP A 47 5.95 -19.15 10.81
C ASP A 47 5.71 -19.35 12.31
N THR A 48 4.75 -20.23 12.66
CA THR A 48 4.36 -20.47 14.05
C THR A 48 5.46 -21.21 14.82
N GLU A 49 6.31 -21.94 14.12
CA GLU A 49 7.48 -22.55 14.75
C GLU A 49 8.62 -21.55 14.89
N GLY A 50 8.45 -20.29 14.45
CA GLY A 50 9.48 -19.26 14.61
C GLY A 50 10.54 -19.20 13.50
N LYS A 51 10.38 -19.94 12.41
CA LYS A 51 11.32 -19.86 11.31
C LYS A 51 11.02 -18.65 10.44
N HIS A 52 12.08 -17.97 9.96
CA HIS A 52 11.97 -16.81 9.09
C HIS A 52 11.62 -17.27 7.68
N ILE A 53 10.46 -16.90 7.14
CA ILE A 53 9.99 -17.51 5.91
C ILE A 53 9.64 -16.49 4.83
N GLY A 54 9.58 -15.19 5.16
CA GLY A 54 9.17 -14.24 4.15
C GLY A 54 9.32 -12.79 4.61
N THR A 55 8.70 -11.92 3.83
CA THR A 55 8.83 -10.49 4.01
C THR A 55 7.47 -9.86 3.75
N THR A 56 7.17 -8.76 4.45
CA THR A 56 6.04 -7.90 4.15
C THR A 56 6.60 -6.51 3.87
N VAL A 57 6.05 -5.86 2.85
CA VAL A 57 6.35 -4.48 2.58
C VAL A 57 5.01 -3.75 2.59
N GLY A 58 4.97 -2.50 3.09
CA GLY A 58 3.71 -1.81 3.19
C GLY A 58 3.81 -0.30 3.21
N CYS A 59 2.64 0.34 3.09
CA CYS A 59 2.58 1.78 3.16
C CYS A 59 1.32 2.19 3.94
N MET A 60 1.39 3.35 4.54
CA MET A 60 0.35 3.84 5.43
C MET A 60 0.10 5.28 5.10
N ASP A 61 -1.16 5.70 5.23
CA ASP A 61 -1.57 7.08 5.08
C ASP A 61 -2.59 7.38 6.18
N ILE A 62 -2.45 8.50 6.87
CA ILE A 62 -3.48 8.97 7.78
C ILE A 62 -4.66 9.47 6.95
N LEU A 63 -5.86 9.01 7.29
CA LEU A 63 -7.05 9.52 6.62
C LEU A 63 -7.54 10.76 7.34
N TYR A 64 -7.75 10.63 8.64
CA TYR A 64 -8.33 11.73 9.39
C TYR A 64 -8.30 11.38 10.86
N ALA A 65 -8.62 12.34 11.70
CA ALA A 65 -8.96 12.09 13.10
C ALA A 65 -10.48 11.92 13.22
N ASP A 66 -10.88 10.92 14.00
CA ASP A 66 -12.29 10.60 14.22
C ASP A 66 -12.87 11.73 15.05
N PRO A 67 -13.84 12.53 14.53
CA PRO A 67 -14.39 13.66 15.27
C PRO A 67 -15.04 13.16 16.57
N GLU A 68 -15.56 11.91 16.62
CA GLU A 68 -16.16 11.39 17.86
C GLU A 68 -15.15 11.06 18.99
N SER A 69 -13.80 11.24 18.81
CA SER A 69 -12.74 10.73 19.70
C SER A 69 -11.41 11.48 19.67
N GLY A 70 -11.00 11.97 18.52
CA GLY A 70 -9.65 12.50 18.38
C GLY A 70 -8.68 11.41 17.93
N HIS A 71 -9.16 10.15 17.87
CA HIS A 71 -8.32 9.04 17.49
C HIS A 71 -8.00 9.11 15.99
N LEU A 72 -6.79 8.67 15.67
CA LEU A 72 -6.32 8.68 14.28
C LEU A 72 -6.79 7.45 13.55
N VAL A 73 -7.30 7.71 12.35
CA VAL A 73 -7.71 6.66 11.46
C VAL A 73 -6.72 6.64 10.30
N GLU A 74 -6.19 5.46 10.04
CA GLU A 74 -5.15 5.27 9.06
C GLU A 74 -5.58 4.20 8.07
N HIS A 75 -4.98 4.26 6.87
CA HIS A 75 -5.22 3.26 5.84
C HIS A 75 -3.89 2.65 5.40
N VAL A 76 -3.87 1.36 5.24
CA VAL A 76 -2.70 0.56 4.94
C VAL A 76 -2.93 -0.27 3.66
N ALA A 77 -1.88 -0.34 2.85
CA ALA A 77 -1.83 -1.29 1.75
C ALA A 77 -0.49 -2.00 1.84
N GLU A 78 -0.48 -3.32 1.79
CA GLU A 78 0.75 -4.04 1.98
C GLU A 78 0.77 -5.33 1.15
N GLN A 79 1.97 -5.87 0.98
CA GLN A 79 2.13 -7.13 0.28
C GLN A 79 3.04 -8.06 1.06
N ILE A 80 2.69 -9.33 1.10
CA ILE A 80 3.34 -10.31 1.92
C ILE A 80 3.87 -11.36 0.94
N ARG A 81 5.14 -11.67 1.08
CA ARG A 81 5.76 -12.71 0.27
C ARG A 81 6.10 -13.89 1.17
N LEU A 82 5.57 -15.06 0.82
CA LEU A 82 5.76 -16.31 1.55
C LEU A 82 6.48 -17.28 0.62
N PRO A 83 7.01 -18.42 1.10
CA PRO A 83 7.67 -19.38 0.24
C PRO A 83 6.83 -19.89 -0.95
N ASP A 84 5.50 -19.96 -0.78
CA ASP A 84 4.64 -20.58 -1.76
C ASP A 84 3.71 -19.56 -2.45
N GLY A 85 3.93 -18.23 -2.28
CA GLY A 85 3.11 -17.30 -3.02
C GLY A 85 3.04 -15.94 -2.34
N THR A 86 2.23 -15.07 -2.93
CA THR A 86 2.13 -13.70 -2.46
C THR A 86 0.68 -13.30 -2.22
N ILE A 87 0.50 -12.35 -1.27
CA ILE A 87 -0.80 -11.84 -0.89
C ILE A 87 -0.74 -10.32 -0.77
N MET A 88 -1.82 -9.66 -1.19
CA MET A 88 -1.97 -8.23 -0.99
C MET A 88 -3.07 -8.06 0.07
N ALA A 89 -2.87 -7.10 0.98
CA ALA A 89 -3.78 -6.82 2.10
C ALA A 89 -3.93 -5.32 2.23
N TRP A 90 -5.12 -4.89 2.64
CA TRP A 90 -5.36 -3.46 2.76
C TRP A 90 -6.51 -3.22 3.74
N GLY A 91 -6.57 -2.03 4.28
CA GLY A 91 -7.68 -1.72 5.16
C GLY A 91 -7.47 -0.44 5.96
N THR A 92 -8.52 -0.10 6.71
CA THR A 92 -8.52 1.08 7.54
C THR A 92 -8.42 0.58 8.97
N MET A 93 -7.76 1.29 9.87
CA MET A 93 -7.77 0.92 11.29
C MET A 93 -7.75 2.17 12.13
N ASN A 94 -8.33 2.08 13.32
CA ASN A 94 -8.21 3.14 14.32
C ASN A 94 -6.98 2.84 15.17
N ARG A 95 -6.08 3.82 15.33
CA ARG A 95 -4.83 3.60 16.04
C ARG A 95 -5.07 3.30 17.52
N SER A 96 -6.20 3.77 18.11
CA SER A 96 -6.58 3.43 19.46
C SER A 96 -6.77 1.92 19.63
N ASP A 97 -7.47 1.31 18.68
CA ASP A 97 -7.70 -0.12 18.64
C ASP A 97 -6.39 -0.89 18.51
N VAL A 98 -5.51 -0.41 17.64
CA VAL A 98 -4.22 -1.04 17.45
C VAL A 98 -3.39 -1.04 18.74
N LEU A 99 -3.26 0.13 19.39
CA LEU A 99 -2.49 0.27 20.61
C LEU A 99 -3.13 -0.41 21.82
N ALA A 100 -4.46 -0.62 21.81
CA ALA A 100 -5.15 -1.41 22.83
C ALA A 100 -5.00 -2.90 22.58
N GLN A 101 -4.26 -3.32 21.57
CA GLN A 101 -4.02 -4.71 21.23
C GLN A 101 -5.32 -5.45 20.98
N LYS A 102 -6.27 -4.79 20.33
CA LYS A 102 -7.41 -5.42 19.68
C LYS A 102 -6.99 -6.09 18.39
N TRP A 103 -7.83 -7.02 17.97
CA TRP A 103 -7.74 -7.67 16.67
C TRP A 103 -8.24 -6.74 15.58
N ILE A 104 -7.40 -6.50 14.59
CA ILE A 104 -7.68 -5.66 13.45
C ILE A 104 -7.91 -6.53 12.20
N THR A 105 -8.95 -6.23 11.43
CA THR A 105 -9.31 -7.02 10.25
C THR A 105 -9.09 -6.19 8.99
N TYR A 106 -8.25 -6.74 8.13
CA TYR A 106 -8.00 -6.23 6.79
C TYR A 106 -8.56 -7.23 5.76
N ARG A 107 -8.93 -6.73 4.58
CA ARG A 107 -9.19 -7.59 3.43
C ARG A 107 -7.87 -8.06 2.83
N CYS A 108 -7.88 -9.22 2.20
CA CYS A 108 -6.70 -9.57 1.46
C CYS A 108 -7.09 -10.50 0.32
N GLN A 109 -6.15 -10.58 -0.65
CA GLN A 109 -6.31 -11.49 -1.77
C GLN A 109 -4.96 -12.00 -2.21
N GLY A 110 -4.96 -13.21 -2.72
CA GLY A 110 -3.76 -13.77 -3.30
C GLY A 110 -3.40 -13.05 -4.58
N THR A 111 -2.10 -12.96 -4.86
CA THR A 111 -1.61 -12.35 -6.08
C THR A 111 -0.76 -13.32 -6.87
N SER A 112 -0.22 -14.39 -6.28
CA SER A 112 0.53 -15.39 -7.06
C SER A 112 0.64 -16.67 -6.24
N GLY A 113 1.12 -17.69 -6.92
CA GLY A 113 1.45 -18.98 -6.36
C GLY A 113 0.22 -19.66 -5.80
N ARG A 114 0.37 -20.24 -4.61
CA ARG A 114 -0.67 -21.02 -3.97
C ARG A 114 -1.90 -20.16 -3.66
N TYR A 115 -1.74 -18.85 -3.55
CA TYR A 115 -2.85 -18.00 -3.12
C TYR A 115 -3.56 -17.38 -4.31
N ALA A 116 -3.08 -17.67 -5.53
CA ALA A 116 -3.71 -17.05 -6.69
C ALA A 116 -5.16 -17.50 -6.69
N GLY A 117 -6.08 -16.55 -6.94
CA GLY A 117 -7.48 -16.88 -7.08
C GLY A 117 -8.27 -16.83 -5.76
N LEU A 118 -7.60 -16.50 -4.67
CA LEU A 118 -8.15 -16.62 -3.33
C LEU A 118 -8.37 -15.24 -2.73
N VAL A 119 -9.40 -15.15 -1.91
CA VAL A 119 -9.78 -13.89 -1.30
C VAL A 119 -10.15 -14.16 0.16
N GLY A 120 -9.98 -13.19 1.04
CA GLY A 120 -10.48 -13.32 2.40
C GLY A 120 -10.02 -12.18 3.30
N THR A 121 -9.58 -12.54 4.51
CA THR A 121 -9.30 -11.58 5.58
C THR A 121 -7.93 -11.86 6.17
N ARG A 122 -7.32 -10.79 6.68
CA ARG A 122 -6.09 -10.81 7.42
C ARG A 122 -6.36 -10.11 8.74
N THR A 123 -6.43 -10.89 9.81
CA THR A 123 -6.75 -10.38 11.14
C THR A 123 -5.51 -10.42 12.03
N TRP A 124 -5.14 -9.29 12.61
CA TRP A 124 -3.86 -9.25 13.31
C TRP A 124 -3.96 -8.46 14.61
N ARG A 125 -2.98 -8.71 15.47
CA ARG A 125 -2.90 -8.02 16.75
C ARG A 125 -1.46 -7.89 17.21
N ILE A 126 -1.12 -6.71 17.75
CA ILE A 126 0.20 -6.51 18.33
C ILE A 126 0.36 -7.40 19.56
N GLN A 127 1.45 -8.18 19.56
CA GLN A 127 1.76 -9.13 20.61
C GLN A 127 2.51 -8.44 21.74
N SER A 128 3.30 -7.40 21.43
CA SER A 128 4.04 -6.65 22.43
C SER A 128 4.26 -5.23 21.93
N LEU A 129 3.92 -4.22 22.75
CA LEU A 129 4.30 -2.85 22.43
C LEU A 129 5.69 -2.49 22.97
N GLU A 130 6.19 -3.25 23.94
CA GLU A 130 7.50 -2.94 24.47
C GLU A 130 8.58 -3.26 23.43
N ASP A 131 8.43 -4.38 22.74
CA ASP A 131 9.36 -4.79 21.70
C ASP A 131 9.22 -3.76 20.57
N GLU A 132 10.32 -3.04 20.26
CA GLU A 132 10.22 -1.98 19.28
C GLU A 132 10.07 -2.49 17.84
N SER A 133 10.07 -3.80 17.60
CA SER A 133 9.64 -4.32 16.32
C SER A 133 8.12 -4.53 16.24
N TYR A 134 7.38 -4.28 17.34
CA TYR A 134 5.94 -4.36 17.35
C TYR A 134 5.46 -5.63 16.70
N PRO A 135 5.89 -6.78 17.23
CA PRO A 135 5.51 -8.04 16.62
C PRO A 135 4.00 -8.18 16.60
N ILE A 136 3.48 -8.66 15.47
CA ILE A 136 2.05 -9.01 15.37
C ILE A 136 1.90 -10.50 15.15
N VAL A 137 0.76 -11.03 15.62
CA VAL A 137 0.25 -12.30 15.15
C VAL A 137 -0.75 -11.94 14.05
N ALA A 138 -0.62 -12.59 12.89
CA ALA A 138 -1.54 -12.38 11.80
C ALA A 138 -2.16 -13.71 11.39
N LYS A 139 -3.48 -13.72 11.23
CA LYS A 139 -4.18 -14.92 10.82
C LYS A 139 -4.90 -14.61 9.51
N MET A 140 -4.53 -15.33 8.45
CA MET A 140 -5.12 -15.09 7.15
C MET A 140 -5.98 -16.30 6.77
N GLU A 141 -7.19 -15.99 6.34
CA GLU A 141 -8.15 -16.98 5.94
C GLU A 141 -8.63 -16.61 4.55
N LEU A 142 -8.44 -17.52 3.60
CA LEU A 142 -8.71 -17.25 2.19
C LEU A 142 -9.54 -18.38 1.60
N ARG A 143 -10.44 -18.01 0.67
CA ARG A 143 -11.33 -18.93 -0.03
C ARG A 143 -11.30 -18.56 -1.52
N GLY A 144 -11.78 -19.44 -2.37
CA GLY A 144 -11.85 -19.19 -3.79
C GLY A 144 -12.80 -18.03 -4.11
N ALA A 145 -12.33 -17.03 -4.85
CA ALA A 145 -13.21 -15.99 -5.39
C ALA A 145 -14.28 -16.53 -6.32
N LEU A 146 -13.98 -17.62 -7.05
CA LEU A 146 -14.97 -18.24 -7.91
C LEU A 146 -16.04 -18.96 -7.09
N GLU A 147 -17.30 -18.56 -7.22
CA GLU A 147 -18.37 -19.09 -6.38
C GLU A 147 -18.55 -20.60 -6.62
N ASP B 9 -20.96 11.36 -12.75
CA ASP B 9 -20.03 12.48 -13.06
C ASP B 9 -18.61 12.07 -12.67
N VAL B 10 -17.70 12.12 -13.65
CA VAL B 10 -16.35 11.62 -13.48
C VAL B 10 -15.54 12.68 -12.74
N VAL B 11 -14.68 12.24 -11.81
CA VAL B 11 -13.67 13.12 -11.23
C VAL B 11 -12.32 12.80 -11.89
N THR B 12 -11.65 13.83 -12.41
CA THR B 12 -10.48 13.66 -13.24
C THR B 12 -9.33 14.50 -12.68
N VAL B 13 -8.17 13.86 -12.54
CA VAL B 13 -7.00 14.46 -11.93
C VAL B 13 -5.79 14.05 -12.77
N GLU B 14 -5.04 15.04 -13.25
CA GLU B 14 -3.80 14.81 -13.97
C GLU B 14 -2.64 15.22 -13.09
N LEU B 15 -1.63 14.34 -13.00
CA LEU B 15 -0.53 14.50 -12.07
C LEU B 15 0.77 14.22 -12.80
N VAL B 16 1.85 14.81 -12.27
CA VAL B 16 3.22 14.40 -12.54
C VAL B 16 3.84 13.98 -11.21
N GLU B 17 4.50 12.81 -11.17
CA GLU B 17 5.08 12.22 -9.97
C GLU B 17 6.55 11.88 -10.22
N LYS B 18 7.41 12.29 -9.27
CA LYS B 18 8.83 11.98 -9.28
C LYS B 18 9.26 11.27 -8.00
N VAL B 19 9.98 10.15 -8.16
CA VAL B 19 10.47 9.33 -7.07
C VAL B 19 11.48 10.11 -6.27
N THR B 20 11.39 10.07 -4.96
CA THR B 20 12.38 10.70 -4.11
C THR B 20 13.13 9.66 -3.29
N LYS B 21 12.57 8.44 -3.17
CA LYS B 21 13.19 7.43 -2.36
C LYS B 21 12.68 6.09 -2.86
N LYS B 22 13.59 5.12 -2.89
CA LYS B 22 13.25 3.77 -3.25
C LYS B 22 14.13 2.86 -2.40
N ASP B 23 13.56 1.90 -1.65
CA ASP B 23 14.36 0.88 -1.00
C ASP B 23 14.05 -0.45 -1.67
N LEU B 24 15.07 -1.28 -1.86
CA LEU B 24 14.96 -2.60 -2.48
C LEU B 24 15.54 -3.63 -1.54
N ASN B 25 15.20 -4.89 -1.70
CA ASN B 25 15.91 -5.92 -0.94
C ASN B 25 17.00 -6.62 -1.76
N GLU B 26 17.53 -5.97 -2.82
CA GLU B 26 18.80 -6.38 -3.43
C GLU B 26 19.73 -5.17 -3.57
N GLY B 36 12.08 -12.56 -7.02
CA GLY B 36 11.11 -12.05 -6.03
C GLY B 36 11.69 -10.90 -5.22
N MET B 37 12.20 -9.90 -5.93
CA MET B 37 12.63 -8.65 -5.35
C MET B 37 11.40 -7.87 -4.88
N MET B 38 11.61 -7.00 -3.89
CA MET B 38 10.53 -6.21 -3.34
C MET B 38 11.03 -4.79 -3.19
N ALA B 39 10.09 -3.86 -3.05
CA ALA B 39 10.50 -2.48 -2.91
C ALA B 39 9.47 -1.68 -2.13
N THR B 40 9.97 -0.57 -1.58
CA THR B 40 9.11 0.51 -1.13
C THR B 40 9.59 1.79 -1.74
N TYR B 41 8.68 2.75 -1.87
CA TYR B 41 9.04 3.99 -2.52
C TYR B 41 8.15 5.14 -2.10
N TRP B 42 8.70 6.32 -2.31
CA TRP B 42 8.08 7.62 -2.10
C TRP B 42 8.19 8.43 -3.38
N CYS B 43 7.14 9.20 -3.68
CA CYS B 43 7.16 10.17 -4.77
C CYS B 43 6.55 11.51 -4.36
N ASP B 44 7.16 12.59 -4.87
CA ASP B 44 6.52 13.88 -4.93
C ASP B 44 5.49 13.92 -6.06
N VAL B 45 4.33 14.49 -5.75
CA VAL B 45 3.23 14.66 -6.69
C VAL B 45 3.08 16.13 -7.04
N PHE B 46 3.03 16.40 -8.35
CA PHE B 46 2.85 17.75 -8.86
C PHE B 46 1.61 17.86 -9.75
N ASP B 47 0.97 19.04 -9.74
CA ASP B 47 -0.09 19.30 -10.70
C ASP B 47 0.59 19.68 -12.01
N THR B 48 -0.21 19.86 -13.07
CA THR B 48 0.29 20.10 -14.42
C THR B 48 1.07 21.42 -14.53
N GLU B 49 0.88 22.37 -13.59
CA GLU B 49 1.63 23.63 -13.57
C GLU B 49 2.98 23.53 -12.86
N GLY B 50 3.35 22.34 -12.36
CA GLY B 50 4.62 22.13 -11.68
C GLY B 50 4.58 22.46 -10.18
N LYS B 51 3.39 22.74 -9.64
CA LYS B 51 3.18 22.99 -8.21
C LYS B 51 3.12 21.67 -7.41
N HIS B 52 3.83 21.64 -6.28
CA HIS B 52 3.90 20.47 -5.43
C HIS B 52 2.61 20.36 -4.62
N ILE B 53 1.85 19.28 -4.81
CA ILE B 53 0.54 19.21 -4.18
C ILE B 53 0.35 17.94 -3.34
N GLY B 54 1.23 16.93 -3.46
CA GLY B 54 1.07 15.79 -2.56
C GLY B 54 2.20 14.77 -2.62
N THR B 55 1.88 13.54 -2.19
CA THR B 55 2.87 12.52 -1.98
C THR B 55 2.26 11.18 -2.33
N THR B 56 3.06 10.31 -2.94
CA THR B 56 2.70 8.90 -3.11
C THR B 56 3.67 8.01 -2.32
N VAL B 57 3.12 6.98 -1.63
CA VAL B 57 3.91 5.94 -1.01
C VAL B 57 3.43 4.62 -1.60
N GLY B 58 4.35 3.67 -1.79
CA GLY B 58 4.02 2.45 -2.47
C GLY B 58 4.94 1.29 -2.11
N CYS B 59 4.47 0.12 -2.50
CA CYS B 59 5.25 -1.07 -2.35
C CYS B 59 5.05 -1.95 -3.59
N MET B 60 6.06 -2.80 -3.82
CA MET B 60 6.13 -3.59 -5.04
C MET B 60 6.69 -4.97 -4.71
N ASP B 61 6.15 -5.99 -5.39
CA ASP B 61 6.71 -7.31 -5.36
C ASP B 61 6.76 -7.81 -6.80
N ILE B 62 7.86 -8.43 -7.16
CA ILE B 62 8.07 -8.92 -8.54
C ILE B 62 7.59 -10.36 -8.52
N LEU B 63 6.39 -10.61 -9.07
CA LEU B 63 5.69 -11.89 -9.00
C LEU B 63 6.42 -12.96 -9.83
N TYR B 64 6.60 -12.77 -11.15
CA TYR B 64 7.36 -13.74 -11.97
C TYR B 64 8.34 -13.03 -12.91
N LEU B 72 9.56 -9.94 -16.55
CA LEU B 72 9.35 -9.55 -15.11
C LEU B 72 8.04 -8.81 -14.89
N VAL B 73 7.13 -9.47 -14.15
CA VAL B 73 5.82 -8.92 -13.79
C VAL B 73 5.88 -8.36 -12.36
N GLU B 74 5.59 -7.07 -12.17
CA GLU B 74 5.63 -6.40 -10.89
C GLU B 74 4.19 -6.19 -10.44
N HIS B 75 3.96 -6.22 -9.12
CA HIS B 75 2.65 -5.94 -8.54
C HIS B 75 2.83 -4.84 -7.52
N VAL B 76 2.02 -3.78 -7.67
CA VAL B 76 2.15 -2.56 -6.91
C VAL B 76 0.86 -2.36 -6.09
N ALA B 77 1.07 -1.82 -4.90
CA ALA B 77 -0.01 -1.23 -4.12
C ALA B 77 0.50 0.11 -3.56
N GLU B 78 -0.26 1.18 -3.74
CA GLU B 78 0.22 2.49 -3.38
C GLU B 78 -0.92 3.37 -2.90
N GLN B 79 -0.53 4.44 -2.25
CA GLN B 79 -1.47 5.42 -1.73
C GLN B 79 -0.99 6.79 -2.13
N ILE B 80 -1.96 7.60 -2.54
CA ILE B 80 -1.67 8.93 -3.01
C ILE B 80 -2.43 9.90 -2.14
N ARG B 81 -1.72 10.89 -1.62
CA ARG B 81 -2.31 11.93 -0.81
C ARG B 81 -2.31 13.23 -1.59
N LEU B 82 -3.49 13.88 -1.69
CA LEU B 82 -3.71 15.09 -2.48
C LEU B 82 -4.31 16.12 -1.54
N PRO B 83 -4.35 17.43 -1.88
CA PRO B 83 -4.83 18.40 -0.91
C PRO B 83 -6.26 18.14 -0.42
N ASP B 84 -7.05 17.42 -1.21
CA ASP B 84 -8.46 17.27 -0.92
C ASP B 84 -8.88 15.82 -0.66
N GLY B 85 -7.93 14.89 -0.55
CA GLY B 85 -8.30 13.53 -0.21
C GLY B 85 -7.21 12.55 -0.57
N THR B 86 -7.53 11.26 -0.45
CA THR B 86 -6.54 10.21 -0.56
C THR B 86 -7.15 9.11 -1.41
N ILE B 87 -6.27 8.41 -2.12
CA ILE B 87 -6.62 7.36 -3.07
C ILE B 87 -5.64 6.19 -2.89
N MET B 88 -6.15 4.98 -2.98
CA MET B 88 -5.32 3.79 -3.06
C MET B 88 -5.38 3.27 -4.50
N ALA B 89 -4.24 2.80 -5.04
CA ALA B 89 -4.17 2.22 -6.37
C ALA B 89 -3.37 0.92 -6.30
N TRP B 90 -3.63 0.04 -7.26
CA TRP B 90 -2.97 -1.25 -7.28
C TRP B 90 -3.03 -1.80 -8.70
N GLY B 91 -2.09 -2.68 -9.02
CA GLY B 91 -2.09 -3.32 -10.33
C GLY B 91 -0.78 -4.04 -10.63
N THR B 92 -0.72 -4.55 -11.85
CA THR B 92 0.32 -5.44 -12.30
C THR B 92 0.90 -4.80 -13.55
N MET B 93 2.22 -4.67 -13.59
CA MET B 93 2.90 -4.08 -14.72
C MET B 93 4.03 -5.00 -15.18
N ASN B 94 4.13 -5.16 -16.50
CA ASN B 94 5.33 -5.70 -17.10
C ASN B 94 6.41 -4.60 -17.09
N ARG B 95 7.60 -4.92 -16.57
CA ARG B 95 8.69 -3.95 -16.52
C ARG B 95 9.02 -3.40 -17.92
N SER B 96 9.03 -4.23 -18.94
CA SER B 96 9.47 -3.78 -20.26
C SER B 96 8.46 -2.82 -20.87
N ASP B 97 7.17 -2.93 -20.53
CA ASP B 97 6.15 -2.05 -21.07
C ASP B 97 6.34 -0.63 -20.53
N VAL B 98 6.71 -0.57 -19.25
CA VAL B 98 7.00 0.70 -18.60
C VAL B 98 8.14 1.37 -19.37
N LEU B 99 9.18 0.59 -19.69
CA LEU B 99 10.41 1.14 -20.27
C LEU B 99 10.21 1.52 -21.73
N ALA B 100 9.26 0.88 -22.43
CA ALA B 100 8.88 1.30 -23.78
C ALA B 100 8.03 2.57 -23.76
N GLN B 101 7.73 3.13 -22.58
CA GLN B 101 6.87 4.30 -22.47
C GLN B 101 5.43 3.95 -22.92
N LYS B 102 4.98 2.72 -22.63
CA LYS B 102 3.56 2.41 -22.78
C LYS B 102 2.76 2.88 -21.57
N TRP B 103 1.44 3.10 -21.79
CA TRP B 103 0.46 3.44 -20.77
C TRP B 103 0.15 2.22 -19.92
N ILE B 104 0.35 2.37 -18.59
CA ILE B 104 0.01 1.34 -17.62
C ILE B 104 -1.26 1.75 -16.89
N THR B 105 -2.21 0.81 -16.78
CA THR B 105 -3.47 1.04 -16.09
C THR B 105 -3.52 0.30 -14.76
N TYR B 106 -3.65 1.08 -13.69
CA TYR B 106 -3.96 0.59 -12.35
C TYR B 106 -5.43 0.88 -12.06
N ARG B 107 -6.04 0.02 -11.26
CA ARG B 107 -7.31 0.32 -10.61
C ARG B 107 -7.07 1.19 -9.40
N CYS B 108 -8.07 1.99 -9.03
CA CYS B 108 -7.95 2.76 -7.83
C CYS B 108 -9.30 2.98 -7.18
N GLN B 109 -9.23 3.40 -5.91
CA GLN B 109 -10.40 3.62 -5.06
C GLN B 109 -10.06 4.78 -4.14
N GLY B 110 -10.97 5.75 -4.08
CA GLY B 110 -10.82 6.81 -3.08
C GLY B 110 -10.93 6.27 -1.66
N THR B 111 -10.08 6.76 -0.78
CA THR B 111 -10.07 6.31 0.61
C THR B 111 -10.54 7.41 1.55
N SER B 112 -10.45 8.68 1.17
CA SER B 112 -11.00 9.71 2.04
C SER B 112 -11.22 10.99 1.24
N GLY B 113 -11.80 11.97 1.91
CA GLY B 113 -12.07 13.30 1.35
C GLY B 113 -12.93 13.22 0.08
N ARG B 114 -12.58 14.07 -0.90
CA ARG B 114 -13.35 14.24 -2.12
C ARG B 114 -13.51 12.92 -2.88
N TYR B 115 -12.55 12.00 -2.71
CA TYR B 115 -12.52 10.75 -3.47
C TYR B 115 -13.25 9.61 -2.78
N ALA B 116 -13.80 9.85 -1.59
CA ALA B 116 -14.33 8.75 -0.80
C ALA B 116 -15.45 8.05 -1.57
N GLY B 117 -15.43 6.72 -1.63
CA GLY B 117 -16.51 6.03 -2.31
C GLY B 117 -16.30 5.89 -3.83
N LEU B 118 -15.40 6.67 -4.42
CA LEU B 118 -15.23 6.67 -5.86
C LEU B 118 -14.24 5.60 -6.24
N VAL B 119 -14.45 5.02 -7.43
CA VAL B 119 -13.59 4.00 -7.99
C VAL B 119 -13.27 4.39 -9.43
N GLY B 120 -12.13 3.91 -9.93
CA GLY B 120 -11.75 4.14 -11.31
C GLY B 120 -10.35 3.61 -11.62
N THR B 121 -9.62 4.41 -12.40
CA THR B 121 -8.35 3.98 -12.96
C THR B 121 -7.32 5.07 -12.80
N ARG B 122 -6.06 4.61 -12.63
CA ARG B 122 -4.88 5.46 -12.66
C ARG B 122 -4.02 4.93 -13.80
N THR B 123 -4.00 5.70 -14.88
CA THR B 123 -3.28 5.35 -16.10
C THR B 123 -2.06 6.25 -16.18
N TRP B 124 -0.86 5.66 -16.31
CA TRP B 124 0.36 6.44 -16.19
C TRP B 124 1.42 5.89 -17.13
N ARG B 125 2.46 6.69 -17.39
CA ARG B 125 3.58 6.28 -18.21
C ARG B 125 4.77 7.18 -17.89
N ILE B 126 5.96 6.62 -18.11
CA ILE B 126 7.18 7.39 -17.99
C ILE B 126 7.08 8.56 -18.97
N GLN B 127 7.23 9.77 -18.42
CA GLN B 127 7.06 11.02 -19.15
C GLN B 127 8.24 11.22 -20.09
N SER B 128 9.44 10.84 -19.63
CA SER B 128 10.69 11.15 -20.30
C SER B 128 11.56 9.90 -20.45
N LEU B 129 11.65 9.40 -21.69
CA LEU B 129 12.53 8.28 -22.03
C LEU B 129 13.93 8.83 -22.36
N GLU B 132 15.54 9.13 -17.46
CA GLU B 132 16.61 9.57 -16.52
C GLU B 132 16.15 9.29 -15.09
N SER B 133 15.64 10.31 -14.37
CA SER B 133 15.00 10.11 -13.08
C SER B 133 13.64 9.42 -13.23
N TYR B 134 13.12 9.39 -14.46
CA TYR B 134 11.95 8.63 -14.83
C TYR B 134 10.71 9.19 -14.11
N PRO B 135 10.37 10.49 -14.26
CA PRO B 135 9.09 11.02 -13.77
C PRO B 135 7.93 10.45 -14.58
N ILE B 136 6.76 10.33 -13.96
CA ILE B 136 5.61 9.79 -14.67
C ILE B 136 4.54 10.86 -14.79
N VAL B 137 3.70 10.68 -15.81
CA VAL B 137 2.44 11.39 -15.93
C VAL B 137 1.37 10.39 -15.57
N ALA B 138 0.39 10.80 -14.78
CA ALA B 138 -0.68 9.90 -14.38
C ALA B 138 -2.01 10.62 -14.54
N LYS B 139 -2.99 9.83 -15.01
CA LYS B 139 -4.34 10.32 -15.20
C LYS B 139 -5.27 9.47 -14.37
N MET B 140 -5.95 10.10 -13.42
CA MET B 140 -6.93 9.42 -12.58
C MET B 140 -8.33 9.83 -12.99
N GLU B 141 -9.20 8.84 -13.07
CA GLU B 141 -10.61 9.04 -13.35
C GLU B 141 -11.40 8.19 -12.38
N LEU B 142 -12.22 8.83 -11.54
CA LEU B 142 -13.07 8.08 -10.62
C LEU B 142 -14.54 8.49 -10.76
N ARG B 143 -15.43 7.59 -10.36
CA ARG B 143 -16.87 7.84 -10.33
C ARG B 143 -17.51 6.91 -9.30
N GLY B 144 -18.79 7.13 -8.96
CA GLY B 144 -19.53 6.30 -8.01
C GLY B 144 -19.57 4.82 -8.41
N ALA B 145 -19.48 3.91 -7.42
CA ALA B 145 -19.47 2.47 -7.67
C ALA B 145 -20.89 1.90 -7.54
#